data_4JIA
#
_entry.id   4JIA
#
_cell.length_a   107.420
_cell.length_b   70.200
_cell.length_c   50.540
_cell.angle_alpha   90.00
_cell.angle_beta   98.95
_cell.angle_gamma   90.00
#
_symmetry.space_group_name_H-M   'C 1 2 1'
#
loop_
_entity.id
_entity.type
_entity.pdbx_description
1 polymer 'Tyrosine-protein kinase JAK2'
2 non-polymer 5-(4-methoxyphenyl)-N-[4-(4-methylpiperazin-1-yl)phenyl][1,2,4]triazolo[1,5-a]pyridin-2-amine
3 non-polymer GLYCEROL
4 water water
#
_entity_poly.entity_id   1
_entity_poly.type   'polypeptide(L)'
_entity_poly.pdbx_seq_one_letter_code
;SGAFEDRDPTQFEERHLKFLQQLGKGNFGSVEMCRYDPLQDNTGEVVAVKKLQHSTEEHLRDFEREIEILKSLQHDNIVK
YKGVCYSAGRRNLKLIMEYLPYGSLRDYLQKHKERIDHIKLLQYTSQICKGMEYLGTKRYIHRDLATRNILVENENRVKI
GDFGLTKVLPQDKE(PTR)(PTR)KVKEPGESPIFWYAPESLTESKFSVASDVWSFGVVLYELFTYIEKSKSPPAEFMRM
IGNDKQGQMIVFHLIELLKNNGRLPRPDGCPDEIYMIMTECWNNNVNQRPSFRDLALRVDQIRDNMAG
;
_entity_poly.pdbx_strand_id   A
#
loop_
_chem_comp.id
_chem_comp.type
_chem_comp.name
_chem_comp.formula
1K3 non-polymer 5-(4-methoxyphenyl)-N-[4-(4-methylpiperazin-1-yl)phenyl][1,2,4]triazolo[1,5-a]pyridin-2-amine 'C24 H26 N6 O'
GOL non-polymer GLYCEROL 'C3 H8 O3'
#
# COMPACT_ATOMS: atom_id res chain seq x y z
N SER A 1 30.82 34.68 9.52
CA SER A 1 29.93 33.47 9.46
C SER A 1 30.77 32.22 9.13
N GLY A 2 30.26 31.34 8.28
CA GLY A 2 30.95 30.10 7.94
C GLY A 2 30.79 29.64 6.50
N ALA A 3 31.67 28.74 6.08
CA ALA A 3 31.66 28.16 4.73
C ALA A 3 30.70 26.97 4.73
N PHE A 4 30.28 26.55 3.54
CA PHE A 4 29.27 25.49 3.42
C PHE A 4 29.56 24.61 2.21
N GLU A 5 29.53 23.30 2.42
CA GLU A 5 29.65 22.32 1.34
C GLU A 5 28.58 21.26 1.50
N ASP A 6 27.69 21.17 0.51
CA ASP A 6 26.64 20.16 0.51
C ASP A 6 26.94 19.06 -0.50
N ARG A 7 27.25 17.88 0.02
CA ARG A 7 27.44 16.70 -0.82
C ARG A 7 26.53 15.56 -0.36
N ASP A 8 25.40 15.92 0.23
CA ASP A 8 24.36 14.95 0.55
C ASP A 8 22.99 15.62 0.44
N PRO A 9 22.42 15.62 -0.78
CA PRO A 9 21.08 16.18 -0.97
C PRO A 9 19.95 15.30 -0.41
N THR A 10 20.29 14.20 0.26
CA THR A 10 19.31 13.42 1.01
C THR A 10 19.21 13.86 2.48
N GLN A 11 19.93 14.91 2.86
CA GLN A 11 19.82 15.46 4.21
C GLN A 11 19.13 16.80 4.14
N PHE A 12 17.92 16.85 4.67
CA PHE A 12 17.10 18.06 4.62
C PHE A 12 17.25 18.82 5.94
N GLU A 13 17.52 20.12 5.84
CA GLU A 13 17.71 20.97 7.01
C GLU A 13 16.38 21.41 7.62
N GLU A 14 16.21 21.14 8.91
CA GLU A 14 14.98 21.44 9.64
C GLU A 14 14.53 22.89 9.49
N ARG A 15 15.48 23.82 9.55
CA ARG A 15 15.13 25.24 9.47
C ARG A 15 14.51 25.65 8.13
N HIS A 16 14.78 24.88 7.06
CA HIS A 16 14.22 25.19 5.73
C HIS A 16 12.96 24.42 5.36
N LEU A 17 12.51 23.55 6.24
CA LEU A 17 11.29 22.76 6.00
C LEU A 17 10.09 23.46 6.64
N LYS A 18 9.21 24.01 5.80
CA LYS A 18 8.09 24.84 6.25
C LYS A 18 6.74 24.13 6.07
N PHE A 19 5.93 24.15 7.12
CA PHE A 19 4.65 23.45 7.13
C PHE A 19 3.63 24.04 6.14
N LEU A 20 2.96 23.16 5.41
CA LEU A 20 1.84 23.55 4.52
C LEU A 20 0.49 22.97 4.92
N GLN A 21 0.47 21.71 5.33
CA GLN A 21 -0.78 20.99 5.49
C GLN A 21 -0.56 19.67 6.22
N GLN A 22 -1.52 19.28 7.05
CA GLN A 22 -1.55 17.94 7.64
C GLN A 22 -2.22 17.00 6.64
N LEU A 23 -1.61 15.84 6.41
CA LEU A 23 -2.12 14.90 5.41
C LEU A 23 -2.82 13.69 6.03
N GLY A 24 -2.28 13.15 7.11
CA GLY A 24 -2.95 12.04 7.79
C GLY A 24 -2.18 11.48 8.96
N LYS A 25 -2.83 10.55 9.67
CA LYS A 25 -2.21 9.85 10.80
C LYS A 25 -2.50 8.35 10.68
N GLY A 26 -1.50 7.53 10.95
CA GLY A 26 -1.67 6.08 10.96
C GLY A 26 -1.59 5.56 12.38
N ASN A 27 -1.12 4.33 12.53
CA ASN A 27 -1.02 3.69 13.84
C ASN A 27 0.05 4.35 14.69
N PHE A 28 1.24 4.50 14.12
CA PHE A 28 2.42 4.94 14.85
C PHE A 28 3.07 6.20 14.25
N GLY A 29 2.49 6.75 13.20
CA GLY A 29 3.05 7.92 12.54
C GLY A 29 2.02 8.92 12.05
N SER A 30 2.51 10.07 11.61
CA SER A 30 1.70 11.09 10.96
C SER A 30 2.48 11.70 9.80
N VAL A 31 1.77 12.26 8.84
CA VAL A 31 2.40 12.82 7.64
C VAL A 31 1.88 14.23 7.40
N GLU A 32 2.79 15.13 7.08
CA GLU A 32 2.48 16.49 6.75
C GLU A 32 3.01 16.83 5.36
N MET A 33 2.37 17.78 4.71
CA MET A 33 2.87 18.39 3.49
C MET A 33 3.71 19.60 3.88
N CYS A 34 4.93 19.70 3.34
CA CYS A 34 5.84 20.83 3.61
C CYS A 34 6.45 21.38 2.33
N ARG A 35 7.00 22.57 2.43
CA ARG A 35 7.82 23.17 1.40
C ARG A 35 9.27 23.23 1.90
N TYR A 36 10.21 22.82 1.05
CA TYR A 36 11.64 22.92 1.41
C TYR A 36 12.25 24.11 0.67
N ASP A 37 12.62 25.14 1.43
CA ASP A 37 12.95 26.47 0.89
C ASP A 37 14.33 26.93 1.40
N PRO A 38 15.42 26.28 0.96
CA PRO A 38 16.75 26.63 1.46
C PRO A 38 17.23 28.02 1.02
N LEU A 39 16.75 28.49 -0.14
CA LEU A 39 17.08 29.83 -0.63
C LEU A 39 16.20 30.91 0.02
N GLN A 40 15.30 30.49 0.92
CA GLN A 40 14.48 31.38 1.75
C GLN A 40 13.69 32.45 0.99
N ASP A 41 13.35 32.16 -0.27
CA ASP A 41 12.65 33.13 -1.13
C ASP A 41 11.17 32.79 -1.32
N ASN A 42 10.59 32.03 -0.38
CA ASN A 42 9.19 31.61 -0.44
C ASN A 42 8.87 30.68 -1.63
N THR A 43 9.89 29.99 -2.14
CA THR A 43 9.74 28.97 -3.17
C THR A 43 10.55 27.73 -2.78
N GLY A 44 10.25 26.60 -3.41
CA GLY A 44 10.95 25.36 -3.13
C GLY A 44 10.04 24.18 -3.45
N GLU A 45 10.60 22.97 -3.47
CA GLU A 45 9.80 21.80 -3.78
C GLU A 45 8.86 21.50 -2.64
N VAL A 46 7.68 20.99 -2.98
CA VAL A 46 6.72 20.52 -1.99
C VAL A 46 6.99 19.03 -1.74
N VAL A 47 6.96 18.63 -0.49
CA VAL A 47 7.33 17.28 -0.08
C VAL A 47 6.37 16.77 0.98
N ALA A 48 6.32 15.45 1.12
CA ALA A 48 5.58 14.79 2.19
C ALA A 48 6.57 14.41 3.27
N VAL A 49 6.19 14.61 4.53
CA VAL A 49 7.08 14.39 5.69
C VAL A 49 6.43 13.49 6.73
N LYS A 50 7.02 12.33 6.95
CA LYS A 50 6.51 11.38 7.95
C LYS A 50 7.34 11.46 9.22
N LYS A 51 6.66 11.46 10.37
N LYS A 51 6.64 11.49 10.36
CA LYS A 51 7.30 11.50 11.68
CA LYS A 51 7.23 11.54 11.70
C LYS A 51 6.61 10.49 12.60
C LYS A 51 6.63 10.40 12.53
N LEU A 52 7.36 9.98 13.56
CA LEU A 52 6.86 8.98 14.51
C LEU A 52 6.13 9.67 15.66
N GLN A 53 4.98 9.11 16.05
CA GLN A 53 4.29 9.59 17.24
C GLN A 53 5.15 9.42 18.49
N HIS A 54 5.72 8.22 18.66
CA HIS A 54 6.47 7.88 19.86
C HIS A 54 7.71 7.10 19.54
N SER A 55 8.87 7.78 19.57
CA SER A 55 10.15 7.16 19.23
C SER A 55 10.71 6.22 20.32
N THR A 56 9.99 5.13 20.58
CA THR A 56 10.50 4.08 21.45
C THR A 56 11.59 3.35 20.69
N GLU A 57 12.41 2.59 21.40
CA GLU A 57 13.46 1.84 20.73
C GLU A 57 12.86 0.97 19.62
N GLU A 58 11.75 0.32 19.91
CA GLU A 58 11.09 -0.54 18.93
C GLU A 58 10.53 0.25 17.74
N HIS A 59 9.76 1.30 18.02
CA HIS A 59 9.13 2.08 16.94
C HIS A 59 10.15 2.72 16.06
N LEU A 60 11.24 3.21 16.67
CA LEU A 60 12.32 3.84 15.90
C LEU A 60 13.08 2.84 15.07
N ARG A 61 13.36 1.66 15.62
CA ARG A 61 13.99 0.59 14.84
C ARG A 61 13.16 0.26 13.58
N ASP A 62 11.85 0.13 13.76
CA ASP A 62 10.95 -0.17 12.65
C ASP A 62 10.89 0.95 11.63
N PHE A 63 10.89 2.20 12.11
CA PHE A 63 10.89 3.37 11.25
C PHE A 63 12.16 3.46 10.43
N GLU A 64 13.32 3.24 11.05
CA GLU A 64 14.58 3.22 10.32
C GLU A 64 14.61 2.10 9.25
N ARG A 65 14.01 0.96 9.54
CA ARG A 65 13.88 -0.13 8.56
C ARG A 65 12.98 0.28 7.38
N GLU A 66 11.88 0.97 7.67
CA GLU A 66 10.98 1.51 6.64
C GLU A 66 11.71 2.48 5.72
N ILE A 67 12.52 3.36 6.32
CA ILE A 67 13.31 4.33 5.57
C ILE A 67 14.32 3.64 4.66
N GLU A 68 15.07 2.68 5.21
CA GLU A 68 16.01 1.88 4.42
C GLU A 68 15.30 1.16 3.26
N ILE A 69 14.13 0.60 3.52
CA ILE A 69 13.35 -0.07 2.47
C ILE A 69 12.95 0.90 1.36
N LEU A 70 12.37 2.04 1.72
CA LEU A 70 11.91 2.99 0.72
C LEU A 70 13.10 3.52 -0.09
N LYS A 71 14.20 3.81 0.61
CA LYS A 71 15.41 4.31 -0.04
C LYS A 71 15.95 3.32 -1.08
N SER A 72 15.81 2.02 -0.79
CA SER A 72 16.32 0.97 -1.70
C SER A 72 15.47 0.79 -2.97
N LEU A 73 14.29 1.42 -3.00
CA LEU A 73 13.35 1.28 -4.12
C LEU A 73 13.36 2.46 -5.07
N GLN A 74 13.53 2.17 -6.35
CA GLN A 74 13.47 3.20 -7.41
C GLN A 74 12.62 2.71 -8.59
N HIS A 75 11.35 3.09 -8.63
CA HIS A 75 10.40 2.61 -9.64
C HIS A 75 9.28 3.60 -9.79
N ASP A 76 8.78 3.78 -11.02
CA ASP A 76 7.72 4.75 -11.31
C ASP A 76 6.45 4.56 -10.48
N ASN A 77 6.20 3.33 -10.02
CA ASN A 77 4.97 3.03 -9.28
C ASN A 77 5.20 2.73 -7.81
N ILE A 78 6.26 3.31 -7.27
CA ILE A 78 6.56 3.25 -5.85
C ILE A 78 6.86 4.68 -5.39
N VAL A 79 6.23 5.10 -4.30
CA VAL A 79 6.45 6.45 -3.75
C VAL A 79 7.95 6.76 -3.58
N LYS A 80 8.36 7.93 -4.05
CA LYS A 80 9.76 8.30 -4.11
C LYS A 80 10.33 8.76 -2.75
N TYR A 81 11.37 8.08 -2.30
CA TYR A 81 12.23 8.54 -1.21
C TYR A 81 13.00 9.76 -1.67
N LYS A 82 13.04 10.80 -0.85
CA LYS A 82 13.88 11.98 -1.11
C LYS A 82 15.02 12.12 -0.09
N GLY A 83 14.75 11.79 1.17
CA GLY A 83 15.79 11.89 2.18
C GLY A 83 15.27 11.85 3.60
N VAL A 84 16.08 12.33 4.53
CA VAL A 84 15.68 12.45 5.92
C VAL A 84 15.97 13.83 6.49
N CYS A 85 15.26 14.18 7.55
CA CYS A 85 15.50 15.40 8.31
C CYS A 85 15.69 15.00 9.77
N TYR A 86 16.84 15.37 10.34
CA TYR A 86 17.12 15.10 11.74
C TYR A 86 16.75 16.33 12.55
N SER A 87 15.48 16.44 12.92
CA SER A 87 14.93 17.62 13.57
C SER A 87 15.14 17.62 15.10
N ALA A 88 14.63 18.67 15.77
CA ALA A 88 14.81 18.85 17.23
C ALA A 88 16.29 18.81 17.63
N GLY A 89 17.11 19.56 16.90
CA GLY A 89 18.56 19.54 17.12
C GLY A 89 19.17 18.15 16.93
N ARG A 90 18.68 17.44 15.92
N ARG A 90 18.69 17.46 15.89
CA ARG A 90 19.14 16.11 15.57
CA ARG A 90 19.09 16.09 15.56
C ARG A 90 18.77 15.02 16.58
C ARG A 90 18.82 15.07 16.66
N ARG A 91 17.67 15.24 17.33
CA ARG A 91 17.21 14.26 18.33
C ARG A 91 15.83 13.69 17.96
N ASN A 92 15.42 13.89 16.71
CA ASN A 92 14.16 13.36 16.18
C ASN A 92 14.45 13.03 14.71
N LEU A 93 13.70 12.09 14.13
CA LEU A 93 13.96 11.63 12.77
C LEU A 93 12.69 11.77 11.94
N LYS A 94 12.80 12.39 10.78
CA LYS A 94 11.66 12.52 9.86
C LYS A 94 12.05 12.02 8.46
N LEU A 95 11.08 11.39 7.79
CA LEU A 95 11.28 10.81 6.47
C LEU A 95 10.70 11.75 5.42
N ILE A 96 11.52 12.16 4.45
CA ILE A 96 11.09 13.10 3.39
C ILE A 96 10.81 12.30 2.10
N MET A 97 9.64 12.56 1.51
CA MET A 97 9.17 11.86 0.31
C MET A 97 8.54 12.84 -0.67
N GLU A 98 8.38 12.40 -1.92
CA GLU A 98 7.62 13.17 -2.90
C GLU A 98 6.17 13.32 -2.41
N TYR A 99 5.55 14.44 -2.77
CA TYR A 99 4.14 14.67 -2.47
C TYR A 99 3.26 14.27 -3.66
N LEU A 100 2.25 13.45 -3.40
CA LEU A 100 1.31 13.00 -4.44
C LEU A 100 -0.04 13.69 -4.26
N PRO A 101 -0.36 14.65 -5.16
CA PRO A 101 -1.50 15.56 -4.95
C PRO A 101 -2.88 14.94 -4.74
N TYR A 102 -3.15 13.74 -5.25
CA TYR A 102 -4.50 13.20 -5.20
C TYR A 102 -4.75 12.24 -4.03
N GLY A 103 -3.74 12.06 -3.18
CA GLY A 103 -3.93 11.31 -1.94
C GLY A 103 -4.14 9.84 -2.20
N SER A 104 -4.87 9.15 -1.33
CA SER A 104 -4.99 7.69 -1.45
C SER A 104 -5.91 7.31 -2.60
N LEU A 105 -5.64 6.17 -3.20
CA LEU A 105 -6.49 5.64 -4.26
C LEU A 105 -7.93 5.44 -3.75
N ARG A 106 -8.07 4.96 -2.52
CA ARG A 106 -9.37 4.76 -1.90
C ARG A 106 -10.17 6.06 -1.89
N ASP A 107 -9.55 7.15 -1.45
CA ASP A 107 -10.22 8.46 -1.45
C ASP A 107 -10.46 9.00 -2.87
N TYR A 108 -9.44 8.91 -3.73
CA TYR A 108 -9.57 9.35 -5.13
C TYR A 108 -10.76 8.71 -5.85
N LEU A 109 -10.90 7.39 -5.73
CA LEU A 109 -12.00 6.65 -6.34
C LEU A 109 -13.37 7.12 -5.85
N GLN A 110 -13.43 7.42 -4.56
CA GLN A 110 -14.65 7.86 -3.91
C GLN A 110 -15.04 9.28 -4.37
N LYS A 111 -14.05 10.16 -4.51
CA LYS A 111 -14.31 11.59 -4.77
C LYS A 111 -14.16 12.06 -6.23
N HIS A 112 -13.54 11.25 -7.08
CA HIS A 112 -13.27 11.66 -8.47
C HIS A 112 -13.80 10.66 -9.46
N LYS A 113 -14.94 10.05 -9.14
CA LYS A 113 -15.56 9.06 -10.00
C LYS A 113 -15.98 9.63 -11.37
N GLU A 114 -16.17 10.95 -11.44
CA GLU A 114 -16.46 11.61 -12.74
C GLU A 114 -15.31 11.41 -13.74
N ARG A 115 -14.14 11.06 -13.22
CA ARG A 115 -12.90 10.96 -13.95
C ARG A 115 -12.48 9.51 -14.22
N ILE A 116 -13.28 8.54 -13.76
CA ILE A 116 -12.82 7.15 -13.72
C ILE A 116 -13.70 6.19 -14.53
N ASP A 117 -13.09 5.51 -15.49
CA ASP A 117 -13.75 4.45 -16.26
C ASP A 117 -12.95 3.15 -16.09
N HIS A 118 -13.44 2.08 -16.70
CA HIS A 118 -12.78 0.77 -16.59
C HIS A 118 -11.38 0.79 -17.15
N ILE A 119 -11.16 1.56 -18.22
CA ILE A 119 -9.81 1.71 -18.79
C ILE A 119 -8.82 2.26 -17.75
N LYS A 120 -9.25 3.27 -17.00
CA LYS A 120 -8.43 3.83 -15.93
C LYS A 120 -8.19 2.80 -14.82
N LEU A 121 -9.23 2.05 -14.46
CA LEU A 121 -9.09 1.07 -13.39
C LEU A 121 -8.02 0.03 -13.76
N LEU A 122 -8.04 -0.41 -15.01
CA LEU A 122 -7.08 -1.40 -15.50
C LEU A 122 -5.66 -0.83 -15.59
N GLN A 123 -5.56 0.46 -15.91
CA GLN A 123 -4.26 1.13 -15.91
C GLN A 123 -3.67 1.13 -14.48
N TYR A 124 -4.48 1.47 -13.48
CA TYR A 124 -4.02 1.44 -12.08
C TYR A 124 -3.65 0.03 -11.62
N THR A 125 -4.46 -0.95 -12.04
CA THR A 125 -4.22 -2.36 -11.75
C THR A 125 -2.84 -2.79 -12.27
N SER A 126 -2.56 -2.44 -13.52
CA SER A 126 -1.29 -2.76 -14.18
C SER A 126 -0.10 -2.15 -13.43
N GLN A 127 -0.22 -0.89 -13.04
CA GLN A 127 0.84 -0.17 -12.34
C GLN A 127 1.13 -0.77 -10.96
N ILE A 128 0.08 -1.18 -10.28
CA ILE A 128 0.22 -1.85 -8.98
C ILE A 128 0.95 -3.18 -9.14
N CYS A 129 0.59 -3.95 -10.17
CA CYS A 129 1.27 -5.22 -10.46
C CYS A 129 2.74 -5.05 -10.74
N LYS A 130 3.08 -4.01 -11.51
CA LYS A 130 4.47 -3.74 -11.86
C LYS A 130 5.32 -3.28 -10.68
N GLY A 131 4.74 -2.43 -9.83
CA GLY A 131 5.35 -2.09 -8.55
C GLY A 131 5.65 -3.32 -7.72
N MET A 132 4.69 -4.25 -7.68
CA MET A 132 4.82 -5.48 -6.90
C MET A 132 5.85 -6.44 -7.53
N GLU A 133 5.91 -6.50 -8.85
CA GLU A 133 6.98 -7.24 -9.52
C GLU A 133 8.35 -6.70 -9.08
N TYR A 134 8.46 -5.39 -9.05
CA TYR A 134 9.70 -4.74 -8.63
C TYR A 134 10.07 -5.09 -7.17
N LEU A 135 9.09 -5.08 -6.27
CA LEU A 135 9.36 -5.49 -4.87
C LEU A 135 9.88 -6.91 -4.78
N GLY A 136 9.31 -7.78 -5.59
CA GLY A 136 9.73 -9.19 -5.67
C GLY A 136 11.19 -9.39 -6.06
N THR A 137 11.76 -8.49 -6.87
CA THR A 137 13.17 -8.60 -7.23
C THR A 137 14.09 -8.33 -6.03
N LYS A 138 13.57 -7.66 -5.01
CA LYS A 138 14.34 -7.43 -3.78
C LYS A 138 13.95 -8.36 -2.64
N ARG A 139 13.07 -9.31 -2.94
CA ARG A 139 12.53 -10.27 -1.98
C ARG A 139 11.75 -9.58 -0.84
N TYR A 140 11.08 -8.48 -1.17
CA TYR A 140 10.26 -7.75 -0.21
C TYR A 140 8.80 -8.24 -0.26
N ILE A 141 8.23 -8.48 0.90
CA ILE A 141 6.83 -8.81 1.07
C ILE A 141 6.16 -7.60 1.72
N HIS A 142 5.16 -7.04 1.05
CA HIS A 142 4.52 -5.81 1.51
C HIS A 142 3.66 -5.98 2.76
N ARG A 143 2.79 -6.99 2.74
CA ARG A 143 1.89 -7.37 3.85
C ARG A 143 0.67 -6.46 4.11
N ASP A 144 0.51 -5.37 3.37
CA ASP A 144 -0.57 -4.41 3.65
C ASP A 144 -1.14 -3.73 2.39
N LEU A 145 -1.19 -4.45 1.28
CA LEU A 145 -1.80 -3.94 0.06
C LEU A 145 -3.31 -3.73 0.25
N ALA A 146 -3.76 -2.52 -0.09
CA ALA A 146 -5.15 -2.10 0.00
C ALA A 146 -5.19 -0.74 -0.70
N THR A 147 -6.34 -0.36 -1.26
CA THR A 147 -6.43 0.93 -1.94
C THR A 147 -6.13 2.14 -1.07
N ARG A 148 -6.36 2.03 0.24
CA ARG A 148 -5.99 3.12 1.15
C ARG A 148 -4.46 3.32 1.24
N ASN A 149 -3.69 2.32 0.83
CA ASN A 149 -2.21 2.34 0.90
C ASN A 149 -1.48 2.57 -0.43
N ILE A 150 -2.27 2.85 -1.47
CA ILE A 150 -1.79 3.22 -2.78
C ILE A 150 -2.11 4.72 -2.94
N LEU A 151 -1.18 5.44 -3.55
CA LEU A 151 -1.28 6.89 -3.68
C LEU A 151 -1.35 7.29 -5.14
N VAL A 152 -1.96 8.44 -5.39
CA VAL A 152 -2.28 8.86 -6.75
C VAL A 152 -1.56 10.17 -7.09
N GLU A 153 -0.66 10.08 -8.07
CA GLU A 153 0.08 11.24 -8.55
C GLU A 153 -0.79 12.12 -9.44
N ASN A 154 -1.46 11.48 -10.39
CA ASN A 154 -2.38 12.14 -11.32
C ASN A 154 -3.35 11.11 -11.90
N GLU A 155 -4.23 11.58 -12.79
CA GLU A 155 -5.16 10.74 -13.55
C GLU A 155 -4.55 9.43 -14.11
N ASN A 156 -3.27 9.49 -14.46
CA ASN A 156 -2.61 8.40 -15.20
C ASN A 156 -1.53 7.62 -14.43
N ARG A 157 -1.31 7.93 -13.14
CA ARG A 157 -0.26 7.26 -12.38
C ARG A 157 -0.59 7.10 -10.88
N VAL A 158 -0.52 5.85 -10.42
CA VAL A 158 -0.59 5.52 -9.00
C VAL A 158 0.71 4.92 -8.51
N LYS A 159 0.93 4.98 -7.20
CA LYS A 159 2.18 4.53 -6.61
C LYS A 159 1.91 3.80 -5.30
N ILE A 160 2.61 2.69 -5.08
CA ILE A 160 2.50 1.94 -3.85
C ILE A 160 3.24 2.67 -2.73
N GLY A 161 2.57 2.83 -1.58
CA GLY A 161 3.18 3.40 -0.37
C GLY A 161 3.08 2.43 0.80
N ASP A 162 3.27 2.93 2.02
CA ASP A 162 2.99 2.17 3.25
C ASP A 162 3.91 0.96 3.41
N PHE A 163 5.22 1.22 3.53
CA PHE A 163 6.22 0.15 3.60
C PHE A 163 6.61 -0.20 5.03
N GLY A 164 5.88 0.34 6.01
CA GLY A 164 6.14 0.09 7.43
C GLY A 164 5.88 -1.32 7.93
N LEU A 165 5.20 -2.14 7.12
CA LEU A 165 5.00 -3.54 7.45
C LEU A 165 5.86 -4.49 6.62
N THR A 166 6.71 -3.96 5.75
CA THR A 166 7.41 -4.77 4.75
C THR A 166 8.49 -5.66 5.37
N LYS A 167 8.52 -6.92 4.94
CA LYS A 167 9.52 -7.89 5.42
C LYS A 167 10.40 -8.31 4.25
N VAL A 168 11.64 -8.68 4.57
CA VAL A 168 12.61 -9.14 3.58
C VAL A 168 12.82 -10.63 3.71
N LEU A 169 12.56 -11.39 2.64
CA LEU A 169 12.78 -12.83 2.66
C LEU A 169 14.27 -13.16 2.54
N PRO A 170 14.80 -13.97 3.47
CA PRO A 170 16.12 -14.56 3.27
C PRO A 170 16.16 -15.44 2.02
N GLN A 171 17.35 -15.59 1.45
CA GLN A 171 17.54 -16.28 0.16
C GLN A 171 16.96 -17.69 0.08
N ASP A 172 16.99 -18.42 1.20
CA ASP A 172 16.55 -19.83 1.20
C ASP A 172 15.14 -20.05 1.77
N LYS A 173 14.39 -18.97 1.98
CA LYS A 173 13.07 -19.05 2.59
C LYS A 173 12.02 -18.53 1.62
N GLU A 174 10.82 -19.13 1.63
CA GLU A 174 9.73 -18.69 0.75
C GLU A 174 8.55 -18.03 1.48
N PTR A 175 8.58 -18.02 2.80
CA PTR A 175 7.62 -17.24 3.58
C PTR A 175 8.28 -16.66 4.80
O PTR A 175 9.37 -17.10 5.22
CB PTR A 175 6.40 -18.09 3.96
CG PTR A 175 6.71 -19.21 4.91
CD1 PTR A 175 6.94 -20.50 4.44
CD2 PTR A 175 6.75 -18.97 6.28
CE1 PTR A 175 7.24 -21.53 5.32
CE2 PTR A 175 7.04 -20.00 7.17
CZ PTR A 175 7.29 -21.29 6.70
OH PTR A 175 7.59 -22.26 7.62
P PTR A 175 7.30 -23.83 7.42
O1P PTR A 175 7.62 -24.39 8.79
O2P PTR A 175 8.25 -24.30 6.34
O3P PTR A 175 5.84 -23.90 7.05
N PTR A 176 7.63 -15.65 5.38
CA PTR A 176 8.06 -15.01 6.61
C PTR A 176 6.90 -15.12 7.57
O PTR A 176 5.83 -14.59 7.31
CB PTR A 176 8.48 -13.56 6.32
CG PTR A 176 9.54 -13.03 7.28
CD1 PTR A 176 9.37 -13.19 8.65
CD2 PTR A 176 10.68 -12.37 6.83
CE1 PTR A 176 10.33 -12.72 9.54
CE2 PTR A 176 11.65 -11.88 7.72
CZ PTR A 176 11.47 -12.07 9.10
OH PTR A 176 12.35 -11.63 10.08
P PTR A 176 13.71 -10.78 9.87
O1P PTR A 176 14.21 -10.61 11.29
O2P PTR A 176 14.56 -11.67 9.01
O3P PTR A 176 13.29 -9.49 9.22
N LYS A 177 7.11 -15.83 8.67
CA LYS A 177 6.12 -15.89 9.77
C LYS A 177 6.34 -14.72 10.70
N VAL A 178 5.31 -13.90 10.92
CA VAL A 178 5.45 -12.78 11.83
C VAL A 178 4.34 -12.73 12.87
N LYS A 179 4.75 -12.89 14.13
CA LYS A 179 3.86 -12.84 15.29
C LYS A 179 3.88 -11.42 15.84
N GLU A 180 2.77 -10.70 15.70
CA GLU A 180 2.67 -9.28 16.06
C GLU A 180 1.44 -9.00 16.90
N PRO A 181 1.55 -8.06 17.86
CA PRO A 181 0.39 -7.68 18.66
C PRO A 181 -0.55 -6.73 17.92
N GLY A 182 -1.73 -6.51 18.47
CA GLY A 182 -2.67 -5.51 17.95
C GLY A 182 -3.42 -5.94 16.71
N GLU A 183 -3.97 -4.97 16.00
CA GLU A 183 -4.97 -5.21 14.96
C GLU A 183 -4.35 -5.56 13.61
N SER A 184 -5.06 -6.42 12.87
CA SER A 184 -4.67 -6.81 11.50
C SER A 184 -5.78 -6.45 10.53
N PRO A 185 -5.44 -6.13 9.26
CA PRO A 185 -6.43 -5.92 8.21
C PRO A 185 -6.98 -7.25 7.69
N ILE A 186 -7.73 -7.93 8.57
CA ILE A 186 -8.12 -9.33 8.34
C ILE A 186 -8.90 -9.56 7.05
N PHE A 187 -9.66 -8.58 6.61
CA PHE A 187 -10.47 -8.75 5.40
C PHE A 187 -9.66 -8.64 4.09
N TRP A 188 -8.37 -8.32 4.21
CA TRP A 188 -7.42 -8.34 3.10
C TRP A 188 -6.47 -9.52 3.14
N TYR A 189 -6.46 -10.25 4.26
CA TYR A 189 -5.49 -11.34 4.49
C TYR A 189 -5.77 -12.64 3.78
N ALA A 190 -4.71 -13.26 3.26
CA ALA A 190 -4.77 -14.64 2.80
C ALA A 190 -5.09 -15.60 3.97
N PRO A 191 -5.74 -16.75 3.69
CA PRO A 191 -6.08 -17.69 4.76
C PRO A 191 -4.90 -18.15 5.62
N GLU A 192 -3.75 -18.40 4.98
CA GLU A 192 -2.55 -18.81 5.73
C GLU A 192 -1.94 -17.69 6.59
N SER A 193 -2.20 -16.45 6.22
CA SER A 193 -1.84 -15.31 7.05
C SER A 193 -2.76 -15.23 8.27
N LEU A 194 -4.04 -15.50 8.06
CA LEU A 194 -5.01 -15.52 9.15
C LEU A 194 -4.72 -16.66 10.11
N THR A 195 -4.47 -17.86 9.59
CA THR A 195 -4.37 -19.05 10.43
C THR A 195 -2.97 -19.32 10.97
N GLU A 196 -1.93 -18.97 10.21
CA GLU A 196 -0.55 -19.31 10.58
C GLU A 196 0.41 -18.11 10.67
N SER A 197 -0.10 -16.91 10.42
CA SER A 197 0.71 -15.69 10.38
C SER A 197 1.85 -15.82 9.36
N LYS A 198 1.60 -16.55 8.28
CA LYS A 198 2.58 -16.73 7.19
C LYS A 198 2.35 -15.72 6.06
N PHE A 199 3.41 -15.01 5.70
CA PHE A 199 3.36 -14.00 4.64
C PHE A 199 4.39 -14.32 3.55
N SER A 200 4.04 -14.01 2.32
CA SER A 200 4.81 -14.41 1.17
C SER A 200 4.39 -13.58 -0.03
N VAL A 201 5.12 -13.71 -1.13
CA VAL A 201 4.66 -13.07 -2.39
C VAL A 201 3.23 -13.53 -2.71
N ALA A 202 2.94 -14.81 -2.50
CA ALA A 202 1.61 -15.35 -2.77
C ALA A 202 0.52 -14.75 -1.89
N SER A 203 0.84 -14.40 -0.64
CA SER A 203 -0.14 -13.71 0.20
C SER A 203 -0.35 -12.26 -0.27
N ASP A 204 0.68 -11.62 -0.82
CA ASP A 204 0.52 -10.30 -1.47
C ASP A 204 -0.38 -10.41 -2.69
N VAL A 205 -0.30 -11.52 -3.44
CA VAL A 205 -1.16 -11.75 -4.59
C VAL A 205 -2.62 -11.87 -4.16
N TRP A 206 -2.89 -12.64 -3.10
CA TRP A 206 -4.23 -12.68 -2.51
C TRP A 206 -4.76 -11.29 -2.22
N SER A 207 -4.00 -10.51 -1.47
CA SER A 207 -4.40 -9.15 -1.13
C SER A 207 -4.57 -8.26 -2.38
N PHE A 208 -3.70 -8.43 -3.37
CA PHE A 208 -3.89 -7.76 -4.67
C PHE A 208 -5.27 -8.06 -5.27
N GLY A 209 -5.75 -9.29 -5.12
CA GLY A 209 -7.09 -9.66 -5.58
C GLY A 209 -8.16 -8.82 -4.88
N VAL A 210 -7.99 -8.59 -3.59
CA VAL A 210 -8.93 -7.76 -2.82
C VAL A 210 -8.83 -6.29 -3.31
N VAL A 211 -7.62 -5.84 -3.61
CA VAL A 211 -7.41 -4.50 -4.20
C VAL A 211 -8.19 -4.37 -5.52
N LEU A 212 -8.13 -5.41 -6.35
CA LEU A 212 -8.80 -5.40 -7.65
C LEU A 212 -10.32 -5.33 -7.45
N TYR A 213 -10.81 -6.11 -6.49
CA TYR A 213 -12.20 -6.05 -6.06
C TYR A 213 -12.59 -4.64 -5.61
N GLU A 214 -11.78 -4.03 -4.73
CA GLU A 214 -12.00 -2.64 -4.29
C GLU A 214 -12.11 -1.66 -5.47
N LEU A 215 -11.21 -1.80 -6.44
CA LEU A 215 -11.25 -0.89 -7.60
C LEU A 215 -12.59 -0.99 -8.34
N PHE A 216 -13.06 -2.21 -8.57
CA PHE A 216 -14.28 -2.40 -9.37
C PHE A 216 -15.58 -2.19 -8.60
N THR A 217 -15.50 -2.05 -7.26
CA THR A 217 -16.64 -1.56 -6.46
C THR A 217 -16.72 -0.04 -6.41
N TYR A 218 -15.71 0.66 -6.93
CA TYR A 218 -15.61 2.14 -6.85
C TYR A 218 -15.76 2.68 -5.42
N ILE A 219 -15.34 1.89 -4.44
CA ILE A 219 -15.45 2.24 -3.01
C ILE A 219 -16.88 2.70 -2.64
N GLU A 220 -17.87 1.97 -3.14
CA GLU A 220 -19.27 2.24 -2.79
C GLU A 220 -19.55 1.79 -1.36
N LYS A 221 -20.23 2.66 -0.61
CA LYS A 221 -20.55 2.46 0.82
C LYS A 221 -20.59 0.99 1.27
N SER A 222 -21.63 0.28 0.85
CA SER A 222 -21.93 -1.03 1.40
C SER A 222 -21.19 -2.19 0.71
N LYS A 223 -20.27 -1.88 -0.20
CA LYS A 223 -19.63 -2.91 -1.02
C LYS A 223 -18.18 -3.24 -0.60
N SER A 224 -17.68 -2.55 0.42
CA SER A 224 -16.29 -2.73 0.88
C SER A 224 -16.05 -4.15 1.37
N PRO A 225 -14.79 -4.64 1.32
CA PRO A 225 -14.54 -5.98 1.85
C PRO A 225 -15.05 -6.20 3.28
N PRO A 226 -14.79 -5.24 4.21
CA PRO A 226 -15.37 -5.48 5.53
C PRO A 226 -16.90 -5.53 5.53
N ALA A 227 -17.55 -4.66 4.77
CA ALA A 227 -19.01 -4.66 4.74
C ALA A 227 -19.58 -5.96 4.15
N GLU A 228 -19.01 -6.42 3.05
CA GLU A 228 -19.50 -7.64 2.40
C GLU A 228 -19.21 -8.90 3.22
N PHE A 229 -18.00 -9.03 3.77
CA PHE A 229 -17.68 -10.17 4.63
C PHE A 229 -18.60 -10.19 5.86
N MET A 230 -18.83 -9.04 6.49
CA MET A 230 -19.67 -9.00 7.70
C MET A 230 -21.11 -9.40 7.41
N ARG A 231 -21.61 -8.98 6.24
N ARG A 231 -21.64 -9.01 6.25
CA ARG A 231 -22.93 -9.41 5.76
CA ARG A 231 -22.98 -9.45 5.85
C ARG A 231 -22.98 -10.94 5.68
C ARG A 231 -23.03 -10.96 5.63
N MET A 232 -21.96 -11.53 5.09
CA MET A 232 -21.88 -12.99 4.91
C MET A 232 -21.76 -13.73 6.25
N ILE A 233 -20.91 -13.20 7.12
CA ILE A 233 -20.61 -13.78 8.43
C ILE A 233 -21.78 -13.60 9.40
N GLY A 234 -22.41 -12.44 9.34
CA GLY A 234 -23.45 -12.06 10.31
C GLY A 234 -23.06 -10.74 10.94
N ASN A 235 -23.84 -9.71 10.65
CA ASN A 235 -23.50 -8.33 11.01
C ASN A 235 -23.31 -8.05 12.49
N ASP A 236 -23.96 -8.83 13.36
CA ASP A 236 -23.89 -8.60 14.79
C ASP A 236 -22.75 -9.32 15.50
N LYS A 237 -21.99 -10.16 14.78
CA LYS A 237 -20.86 -10.86 15.40
C LYS A 237 -19.80 -9.87 15.81
N GLN A 238 -19.11 -10.16 16.92
CA GLN A 238 -18.09 -9.27 17.47
C GLN A 238 -16.87 -10.05 17.90
N GLY A 239 -15.74 -9.36 17.97
CA GLY A 239 -14.50 -9.91 18.50
C GLY A 239 -13.96 -11.11 17.73
N GLN A 240 -13.40 -12.08 18.45
CA GLN A 240 -12.83 -13.28 17.83
C GLN A 240 -13.83 -14.09 17.01
N MET A 241 -15.11 -13.96 17.29
CA MET A 241 -16.13 -14.69 16.56
C MET A 241 -16.10 -14.30 15.08
N ILE A 242 -15.82 -13.04 14.79
CA ILE A 242 -15.68 -12.58 13.41
C ILE A 242 -14.56 -13.35 12.70
N VAL A 243 -13.42 -13.46 13.36
CA VAL A 243 -12.26 -14.15 12.83
C VAL A 243 -12.52 -15.64 12.63
N PHE A 244 -13.16 -16.30 13.62
CA PHE A 244 -13.51 -17.72 13.52
C PHE A 244 -14.36 -17.96 12.27
N HIS A 245 -15.37 -17.13 12.09
CA HIS A 245 -16.27 -17.30 10.95
C HIS A 245 -15.65 -16.94 9.63
N LEU A 246 -14.82 -15.90 9.59
CA LEU A 246 -14.10 -15.53 8.36
C LEU A 246 -13.20 -16.67 7.90
N ILE A 247 -12.50 -17.32 8.81
CA ILE A 247 -11.57 -18.38 8.43
C ILE A 247 -12.33 -19.58 7.87
N GLU A 248 -13.39 -19.96 8.57
CA GLU A 248 -14.22 -21.09 8.15
C GLU A 248 -14.85 -20.81 6.78
N LEU A 249 -15.35 -19.59 6.59
CA LEU A 249 -15.89 -19.13 5.30
C LEU A 249 -14.89 -19.27 4.16
N LEU A 250 -13.70 -18.71 4.35
CA LEU A 250 -12.66 -18.73 3.31
C LEU A 250 -12.14 -20.15 2.98
N LYS A 251 -11.94 -20.96 4.02
N LYS A 251 -11.92 -20.97 4.01
CA LYS A 251 -11.47 -22.33 3.85
CA LYS A 251 -11.44 -22.33 3.80
C LYS A 251 -12.40 -23.20 2.99
C LYS A 251 -12.39 -23.16 2.92
N ASN A 252 -13.69 -22.90 3.02
CA ASN A 252 -14.69 -23.63 2.24
C ASN A 252 -15.26 -22.82 1.07
N ASN A 253 -14.43 -21.96 0.48
CA ASN A 253 -14.72 -21.29 -0.80
C ASN A 253 -15.72 -20.13 -0.74
N GLY A 254 -15.99 -19.60 0.44
CA GLY A 254 -16.71 -18.35 0.55
C GLY A 254 -15.84 -17.22 -0.01
N ARG A 255 -16.43 -16.37 -0.84
CA ARG A 255 -15.67 -15.29 -1.50
C ARG A 255 -16.50 -14.03 -1.68
N LEU A 256 -15.82 -12.89 -1.79
CA LEU A 256 -16.47 -11.65 -2.15
C LEU A 256 -17.21 -11.84 -3.49
N PRO A 257 -18.39 -11.22 -3.62
CA PRO A 257 -19.17 -11.38 -4.85
C PRO A 257 -18.61 -10.55 -5.99
N ARG A 258 -19.00 -10.88 -7.22
CA ARG A 258 -18.61 -10.11 -8.38
C ARG A 258 -19.26 -8.72 -8.27
N PRO A 259 -18.45 -7.64 -8.30
CA PRO A 259 -19.06 -6.30 -8.22
C PRO A 259 -20.00 -6.03 -9.40
N ASP A 260 -21.04 -5.24 -9.16
CA ASP A 260 -21.98 -4.88 -10.23
C ASP A 260 -21.23 -4.20 -11.35
N GLY A 261 -21.45 -4.66 -12.58
CA GLY A 261 -20.81 -4.09 -13.77
C GLY A 261 -19.39 -4.57 -14.04
N CYS A 262 -18.86 -5.44 -13.18
CA CYS A 262 -17.50 -5.96 -13.35
C CYS A 262 -17.47 -7.07 -14.40
N PRO A 263 -16.63 -6.93 -15.44
CA PRO A 263 -16.48 -7.96 -16.47
C PRO A 263 -16.10 -9.33 -15.90
N ASP A 264 -16.69 -10.40 -16.43
CA ASP A 264 -16.43 -11.75 -15.95
C ASP A 264 -14.94 -12.10 -15.94
N GLU A 265 -14.20 -11.61 -16.94
CA GLU A 265 -12.75 -11.88 -17.02
C GLU A 265 -11.91 -11.12 -15.98
N ILE A 266 -12.40 -9.98 -15.51
CA ILE A 266 -11.77 -9.30 -14.37
C ILE A 266 -12.09 -10.04 -13.08
N TYR A 267 -13.34 -10.47 -12.91
CA TYR A 267 -13.71 -11.28 -11.74
C TYR A 267 -12.92 -12.58 -11.71
N MET A 268 -12.70 -13.21 -12.87
CA MET A 268 -11.88 -14.42 -12.97
C MET A 268 -10.46 -14.21 -12.42
N ILE A 269 -9.88 -13.04 -12.70
CA ILE A 269 -8.55 -12.69 -12.15
C ILE A 269 -8.60 -12.65 -10.62
N MET A 270 -9.60 -11.98 -10.06
CA MET A 270 -9.81 -11.94 -8.61
C MET A 270 -9.89 -13.34 -8.03
N THR A 271 -10.73 -14.18 -8.64
CA THR A 271 -10.98 -15.53 -8.15
C THR A 271 -9.71 -16.39 -8.18
N GLU A 272 -8.90 -16.23 -9.21
CA GLU A 272 -7.60 -16.91 -9.31
C GLU A 272 -6.59 -16.44 -8.25
N CYS A 273 -6.63 -15.16 -7.89
CA CYS A 273 -5.78 -14.66 -6.79
C CYS A 273 -6.20 -15.26 -5.45
N TRP A 274 -7.50 -15.48 -5.29
CA TRP A 274 -8.08 -16.00 -4.06
C TRP A 274 -8.12 -17.51 -4.04
N ASN A 275 -6.99 -18.13 -4.32
CA ASN A 275 -6.85 -19.59 -4.27
C ASN A 275 -6.34 -19.96 -2.89
N ASN A 276 -7.03 -20.86 -2.20
CA ASN A 276 -6.51 -21.41 -0.94
C ASN A 276 -5.13 -22.08 -1.12
N ASN A 277 -4.92 -22.67 -2.28
CA ASN A 277 -3.64 -23.31 -2.61
C ASN A 277 -2.63 -22.23 -3.02
N VAL A 278 -1.70 -21.97 -2.10
CA VAL A 278 -0.73 -20.86 -2.24
C VAL A 278 0.05 -20.95 -3.56
N ASN A 279 0.51 -22.14 -3.89
CA ASN A 279 1.32 -22.36 -5.09
C ASN A 279 0.57 -22.20 -6.41
N GLN A 280 -0.76 -22.19 -6.37
CA GLN A 280 -1.57 -22.06 -7.57
C GLN A 280 -1.98 -20.63 -7.91
N ARG A 281 -1.66 -19.67 -7.04
CA ARG A 281 -2.00 -18.27 -7.30
C ARG A 281 -1.06 -17.79 -8.41
N PRO A 282 -1.54 -16.90 -9.29
CA PRO A 282 -0.63 -16.39 -10.32
C PRO A 282 0.48 -15.50 -9.72
N SER A 283 1.52 -15.27 -10.51
CA SER A 283 2.59 -14.35 -10.13
C SER A 283 2.21 -12.94 -10.55
N PHE A 284 2.88 -11.95 -9.99
CA PHE A 284 2.64 -10.57 -10.39
C PHE A 284 3.02 -10.31 -11.85
N ARG A 285 4.03 -11.01 -12.36
CA ARG A 285 4.40 -10.92 -13.79
C ARG A 285 3.26 -11.46 -14.67
N ASP A 286 2.69 -12.62 -14.31
CA ASP A 286 1.51 -13.18 -15.00
C ASP A 286 0.39 -12.16 -15.03
N LEU A 287 0.16 -11.52 -13.88
CA LEU A 287 -0.96 -10.58 -13.73
C LEU A 287 -0.76 -9.31 -14.57
N ALA A 288 0.43 -8.72 -14.49
CA ALA A 288 0.77 -7.55 -15.32
C ALA A 288 0.56 -7.83 -16.81
N LEU A 289 1.08 -8.94 -17.31
CA LEU A 289 0.89 -9.33 -18.71
C LEU A 289 -0.58 -9.49 -19.10
N ARG A 290 -1.33 -10.23 -18.28
N ARG A 290 -1.33 -10.25 -18.28
CA ARG A 290 -2.75 -10.46 -18.53
CA ARG A 290 -2.75 -10.46 -18.51
C ARG A 290 -3.53 -9.15 -18.58
C ARG A 290 -3.53 -9.15 -18.57
N VAL A 291 -3.29 -8.27 -17.60
CA VAL A 291 -4.00 -7.00 -17.52
C VAL A 291 -3.61 -6.08 -18.68
N ASP A 292 -2.34 -6.02 -19.05
CA ASP A 292 -1.92 -5.22 -20.20
C ASP A 292 -2.44 -5.77 -21.54
N GLN A 293 -2.61 -7.09 -21.64
CA GLN A 293 -3.20 -7.71 -22.84
C GLN A 293 -4.68 -7.38 -22.93
N ILE A 294 -5.39 -7.44 -21.80
CA ILE A 294 -6.78 -6.98 -21.77
C ILE A 294 -6.87 -5.52 -22.24
N ARG A 295 -6.02 -4.66 -21.68
CA ARG A 295 -5.99 -3.24 -22.06
C ARG A 295 -5.69 -3.05 -23.56
N ASP A 296 -4.73 -3.79 -24.07
CA ASP A 296 -4.29 -3.67 -25.46
C ASP A 296 -5.32 -4.20 -26.47
N ASN A 297 -6.12 -5.18 -26.06
CA ASN A 297 -7.13 -5.77 -26.96
C ASN A 297 -8.32 -4.83 -27.26
N MET A 298 -8.48 -3.78 -26.47
CA MET A 298 -9.48 -2.75 -26.76
C MET A 298 -9.16 -1.98 -28.04
N ALA A 299 -10.22 -1.63 -28.80
CA ALA A 299 -10.11 -0.94 -30.09
C ALA A 299 -9.27 0.36 -30.06
N GLY A 300 -9.15 0.97 -28.90
CA GLY A 300 -8.35 2.18 -28.74
C GLY A 300 -8.23 2.60 -27.28
C24 1K3 B . -1.93 7.51 6.86
O1 1K3 B . -1.75 8.82 6.30
C10 1K3 B . -0.86 9.04 5.26
C9 1K3 B . -0.06 8.02 4.69
C8 1K3 B . 0.81 8.32 3.65
C11 1K3 B . -0.77 10.33 4.76
C12 1K3 B . 0.11 10.62 3.72
C7 1K3 B . 0.88 9.63 3.14
C3 1K3 B . 1.81 10.01 2.03
C2 1K3 B . 3.10 9.47 1.98
N1 1K3 B . 1.44 10.89 1.09
N2 1K3 B . 0.19 11.48 1.05
C6 1K3 B . 0.33 12.24 -0.05
N3 1K3 B . 1.55 12.16 -0.63
C4 1K3 B . 2.26 11.29 0.11
C5 1K3 B . 3.54 10.77 0.02
C1 1K3 B . 3.96 9.85 0.97
N4 1K3 B . -0.64 13.07 -0.53
C13 1K3 B . -1.87 13.37 -0.01
C18 1K3 B . -2.38 12.76 1.12
C17 1K3 B . -3.65 13.08 1.59
C16 1K3 B . -4.46 14.01 0.93
C15 1K3 B . -3.94 14.62 -0.22
C14 1K3 B . -2.66 14.30 -0.68
N5 1K3 B . -5.71 14.31 1.42
C22 1K3 B . -6.22 13.63 2.61
C21 1K3 B . -6.94 14.64 3.50
N6 1K3 B . -7.99 15.19 2.66
C23 1K3 B . -8.94 15.90 3.50
C20 1K3 B . -7.37 16.12 1.72
C19 1K3 B . -6.57 15.28 0.72
C1 GOL C . 4.99 6.46 4.47
O1 GOL C . 3.99 7.46 4.65
C2 GOL C . 4.99 6.03 3.01
O2 GOL C . 3.70 5.52 2.63
C3 GOL C . 6.12 5.00 2.78
O3 GOL C . 5.97 3.85 3.62
#